data_2NR5
#
_entry.id   2NR5
#
_cell.length_a   62.449
_cell.length_b   69.879
_cell.length_c   129.292
_cell.angle_alpha   90.00
_cell.angle_beta   90.00
_cell.angle_gamma   90.00
#
_symmetry.space_group_name_H-M   'P 2 2 21'
#
loop_
_entity.id
_entity.type
_entity.pdbx_description
1 polymer 'Hypothetical protein SO2669'
2 non-polymer (4S)-2-METHYL-2,4-PENTANEDIOL
3 non-polymer 'ACETATE ION'
4 water water
#
_entity_poly.entity_id   1
_entity_poly.type   'polypeptide(L)'
_entity_poly.pdbx_seq_one_letter_code
;SNA(MSE)(MSE)TKKERIAIQRS(MSE)AEEALGKLKAIRQLCGAEDSSDSSD(MSE)QEVEIWTNRIKELEDWLWGES
PIA
;
_entity_poly.pdbx_strand_id   A,B,C,D,F,G,H,E
#
loop_
_chem_comp.id
_chem_comp.type
_chem_comp.name
_chem_comp.formula
ACT non-polymer 'ACETATE ION' 'C2 H3 O2 -1'
MPD non-polymer (4S)-2-METHYL-2,4-PENTANEDIOL 'C6 H14 O2'
#
# COMPACT_ATOMS: atom_id res chain seq x y z
N MSE A 4 33.99 -30.73 5.66
CA MSE A 4 33.70 -31.98 4.91
C MSE A 4 32.46 -31.82 4.05
O MSE A 4 32.33 -32.47 3.01
CB MSE A 4 33.52 -33.15 5.87
CG MSE A 4 33.56 -34.52 5.18
SE MSE A 4 35.38 -35.24 5.02
CE MSE A 4 36.41 -33.59 4.72
N MSE A 5 31.53 -30.97 4.49
CA MSE A 5 30.41 -30.61 3.62
C MSE A 5 30.93 -30.03 2.31
O MSE A 5 32.00 -29.41 2.26
CB MSE A 5 29.52 -29.55 4.29
CG MSE A 5 28.69 -30.07 5.39
SE MSE A 5 27.43 -28.68 5.92
CE MSE A 5 27.03 -29.36 7.70
N THR A 6 30.15 -30.23 1.26
CA THR A 6 30.39 -29.54 0.02
C THR A 6 30.14 -28.04 0.18
N LYS A 7 30.78 -27.26 -0.70
CA LYS A 7 30.54 -25.84 -0.77
C LYS A 7 29.04 -25.58 -0.91
N LYS A 8 28.36 -26.28 -1.81
CA LYS A 8 26.93 -25.98 -2.05
C LYS A 8 26.11 -26.18 -0.77
N GLU A 9 26.43 -27.20 -0.01
CA GLU A 9 25.73 -27.44 1.28
C GLU A 9 26.01 -26.33 2.28
N ARG A 10 27.28 -25.93 2.38
CA ARG A 10 27.72 -24.85 3.28
C ARG A 10 26.97 -23.53 2.90
N ILE A 11 26.81 -23.28 1.61
CA ILE A 11 26.17 -22.06 1.18
C ILE A 11 24.66 -22.11 1.56
N ALA A 12 24.03 -23.30 1.48
CA ALA A 12 22.61 -23.40 1.84
C ALA A 12 22.45 -23.07 3.31
N ILE A 13 23.34 -23.62 4.14
CA ILE A 13 23.36 -23.35 5.58
C ILE A 13 23.53 -21.87 5.84
N GLN A 14 24.49 -21.24 5.17
CA GLN A 14 24.73 -19.84 5.31
C GLN A 14 23.49 -19.02 4.92
N ARG A 15 22.83 -19.42 3.83
CA ARG A 15 21.61 -18.73 3.41
C ARG A 15 20.48 -18.86 4.46
N SER A 16 20.33 -20.05 5.07
CA SER A 16 19.36 -20.31 6.13
CA SER A 16 19.33 -20.27 6.12
C SER A 16 19.64 -19.34 7.30
N MSE A 17 20.91 -19.26 7.71
CA MSE A 17 21.34 -18.36 8.77
C MSE A 17 21.12 -16.87 8.42
O MSE A 17 20.76 -16.05 9.28
CB MSE A 17 22.80 -18.64 9.14
CG MSE A 17 23.02 -19.97 9.71
SE MSE A 17 24.93 -20.45 9.70
CE MSE A 17 25.55 -19.19 11.01
N ALA A 18 21.32 -16.52 7.14
CA ALA A 18 21.11 -15.15 6.69
C ALA A 18 19.62 -14.74 6.87
N GLU A 19 18.69 -15.67 6.64
CA GLU A 19 17.27 -15.39 6.85
C GLU A 19 17.02 -15.01 8.34
N GLU A 20 17.71 -15.71 9.25
CA GLU A 20 17.61 -15.47 10.70
C GLU A 20 18.22 -14.10 11.09
N ALA A 21 19.34 -13.74 10.48
CA ALA A 21 19.95 -12.43 10.67
C ALA A 21 18.99 -11.31 10.21
N LEU A 22 18.42 -11.48 9.03
CA LEU A 22 17.44 -10.57 8.49
C LEU A 22 16.20 -10.49 9.41
N GLY A 23 15.71 -11.62 9.89
CA GLY A 23 14.63 -11.67 10.87
C GLY A 23 14.91 -10.79 12.08
N LYS A 24 16.16 -10.81 12.59
CA LYS A 24 16.48 -10.09 13.83
C LYS A 24 16.51 -8.58 13.51
N LEU A 25 16.98 -8.24 12.32
CA LEU A 25 16.99 -6.81 11.95
C LEU A 25 15.57 -6.24 11.77
N LYS A 26 14.72 -7.04 11.16
CA LYS A 26 13.33 -6.73 10.98
C LYS A 26 12.58 -6.65 12.32
N ALA A 27 12.94 -7.52 13.26
CA ALA A 27 12.47 -7.41 14.64
C ALA A 27 12.81 -6.08 15.32
N ILE A 28 14.06 -5.65 15.16
CA ILE A 28 14.49 -4.37 15.60
C ILE A 28 13.57 -3.26 15.09
N ARG A 29 13.36 -3.21 13.77
CA ARG A 29 12.52 -2.23 13.12
C ARG A 29 11.13 -2.13 13.75
N GLN A 30 10.54 -3.25 14.14
CA GLN A 30 9.16 -3.27 14.65
C GLN A 30 9.02 -2.55 15.98
N LEU A 31 10.14 -2.33 16.67
CA LEU A 31 10.17 -1.68 17.98
C LEU A 31 10.19 -0.14 17.95
N CYS A 32 10.49 0.42 16.80
CA CYS A 32 10.48 1.86 16.60
C CYS A 32 9.17 2.52 17.07
N GLY A 33 9.32 3.53 17.92
CA GLY A 33 8.17 4.28 18.46
C GLY A 33 7.26 3.49 19.37
N ALA A 34 7.68 2.28 19.77
CA ALA A 34 6.82 1.42 20.62
C ALA A 34 6.33 2.21 21.85
N GLU A 35 7.19 3.11 22.31
CA GLU A 35 6.97 3.90 23.52
C GLU A 35 6.24 5.22 23.24
N ASP A 36 5.99 5.54 21.97
CA ASP A 36 5.23 6.74 21.61
C ASP A 36 3.76 6.40 21.74
N SER A 41 10.95 12.37 14.09
CA SER A 41 11.45 11.29 13.23
C SER A 41 10.59 10.02 13.21
N ASP A 42 9.43 9.99 13.90
CA ASP A 42 8.68 8.71 14.09
C ASP A 42 8.69 7.77 12.86
N MSE A 43 7.97 8.13 11.78
CA MSE A 43 7.88 7.21 10.65
C MSE A 43 9.16 7.23 9.79
O MSE A 43 9.46 6.22 9.16
CB MSE A 43 6.59 7.41 9.83
CG MSE A 43 5.31 6.90 10.57
SE MSE A 43 5.34 4.97 11.10
CE MSE A 43 6.17 4.24 9.52
N GLN A 44 9.93 8.33 9.80
CA GLN A 44 11.22 8.31 9.08
C GLN A 44 12.23 7.36 9.75
N GLU A 45 12.17 7.25 11.07
CA GLU A 45 13.03 6.29 11.80
C GLU A 45 12.81 4.88 11.21
N VAL A 46 11.56 4.49 11.11
CA VAL A 46 11.17 3.18 10.57
C VAL A 46 11.66 3.04 9.13
N GLU A 47 11.43 4.09 8.33
CA GLU A 47 11.84 4.10 6.94
C GLU A 47 13.38 3.91 6.75
N ILE A 48 14.15 4.50 7.64
CA ILE A 48 15.62 4.35 7.65
C ILE A 48 15.99 2.84 7.80
N TRP A 49 15.36 2.17 8.75
CA TRP A 49 15.55 0.73 8.91
C TRP A 49 15.11 -0.06 7.64
N THR A 50 13.91 0.23 7.11
CA THR A 50 13.42 -0.43 5.90
C THR A 50 14.49 -0.38 4.80
N ASN A 51 14.98 0.82 4.58
CA ASN A 51 15.90 1.13 3.49
C ASN A 51 17.26 0.35 3.74
N ARG A 52 17.77 0.36 4.95
CA ARG A 52 19.01 -0.37 5.24
C ARG A 52 18.88 -1.93 5.18
N ILE A 53 17.76 -2.45 5.65
CA ILE A 53 17.51 -3.89 5.62
C ILE A 53 17.35 -4.35 4.18
N LYS A 54 16.60 -3.59 3.40
CA LYS A 54 16.45 -3.87 1.99
C LYS A 54 17.80 -3.87 1.24
N GLU A 55 18.67 -2.91 1.54
CA GLU A 55 19.98 -2.84 0.91
C GLU A 55 20.77 -4.11 1.24
N LEU A 56 20.70 -4.53 2.50
CA LEU A 56 21.38 -5.78 2.91
C LEU A 56 20.78 -7.02 2.27
N GLU A 57 19.45 -7.12 2.27
CA GLU A 57 18.78 -8.25 1.65
C GLU A 57 19.10 -8.31 0.14
N ASP A 58 19.11 -7.15 -0.52
CA ASP A 58 19.44 -7.05 -1.94
C ASP A 58 20.88 -7.57 -2.20
N TRP A 59 21.81 -7.15 -1.35
CA TRP A 59 23.20 -7.64 -1.40
C TRP A 59 23.30 -9.14 -1.17
N LEU A 60 22.69 -9.62 -0.08
CA LEU A 60 22.69 -11.04 0.21
C LEU A 60 22.30 -11.92 -0.96
N TRP A 61 21.15 -11.63 -1.56
CA TRP A 61 20.55 -12.53 -2.53
C TRP A 61 20.95 -12.18 -3.95
N GLY A 62 21.54 -11.02 -4.13
CA GLY A 62 21.97 -10.58 -5.47
C GLY A 62 23.47 -10.48 -5.76
N GLU A 63 24.28 -10.08 -4.76
N GLU A 63 24.30 -10.04 -4.76
CA GLU A 63 25.71 -9.79 -4.97
CA GLU A 63 25.76 -9.81 -4.94
C GLU A 63 26.68 -10.62 -4.12
C GLU A 63 26.65 -10.76 -4.16
N SER A 64 26.21 -11.07 -2.96
CA SER A 64 27.08 -11.70 -1.96
C SER A 64 27.62 -13.07 -2.37
N PRO A 65 28.57 -13.61 -1.59
CA PRO A 65 28.99 -14.97 -1.92
C PRO A 65 27.93 -16.06 -1.85
N ILE A 66 26.80 -15.79 -1.17
CA ILE A 66 25.75 -16.78 -1.09
C ILE A 66 24.56 -16.51 -2.04
N ALA A 67 24.69 -15.49 -2.92
CA ALA A 67 23.68 -15.17 -3.95
C ALA A 67 23.50 -16.31 -4.95
N MSE B 4 -4.10 -5.59 -23.53
CA MSE B 4 -2.91 -4.88 -22.97
C MSE B 4 -2.70 -5.07 -21.47
O MSE B 4 -1.56 -5.35 -21.04
CB MSE B 4 -2.99 -3.38 -23.23
CG MSE B 4 -1.90 -2.85 -24.13
SE MSE B 4 -1.45 -1.03 -23.65
CE MSE B 4 -3.18 -0.37 -23.07
N MSE B 5 -3.76 -4.90 -20.68
CA MSE B 5 -3.66 -4.94 -19.22
C MSE B 5 -4.03 -6.30 -18.69
O MSE B 5 -4.90 -6.96 -19.26
CB MSE B 5 -4.64 -3.94 -18.56
CG MSE B 5 -4.53 -2.48 -18.92
SE MSE B 5 -6.18 -1.53 -18.36
CE MSE B 5 -7.45 -2.41 -19.54
N THR B 6 -3.43 -6.68 -17.57
CA THR B 6 -3.93 -7.77 -16.74
C THR B 6 -5.07 -7.19 -15.88
N LYS B 7 -5.84 -8.06 -15.21
CA LYS B 7 -6.85 -7.61 -14.27
C LYS B 7 -6.24 -6.85 -13.07
N LYS B 8 -5.10 -7.33 -12.58
CA LYS B 8 -4.44 -6.71 -11.43
C LYS B 8 -4.01 -5.27 -11.78
N GLU B 9 -3.52 -5.07 -13.00
CA GLU B 9 -3.13 -3.74 -13.49
C GLU B 9 -4.36 -2.86 -13.62
N ARG B 10 -5.44 -3.43 -14.14
CA ARG B 10 -6.68 -2.66 -14.30
C ARG B 10 -7.20 -2.24 -12.94
N ILE B 11 -7.09 -3.13 -11.96
CA ILE B 11 -7.59 -2.85 -10.61
C ILE B 11 -6.69 -1.76 -9.96
N ALA B 12 -5.38 -1.79 -10.19
CA ALA B 12 -4.50 -0.74 -9.65
C ALA B 12 -4.88 0.65 -10.23
N ILE B 13 -5.19 0.69 -11.53
CA ILE B 13 -5.67 1.90 -12.18
C ILE B 13 -6.97 2.39 -11.54
N GLN B 14 -7.91 1.48 -11.28
CA GLN B 14 -9.16 1.82 -10.60
C GLN B 14 -8.94 2.35 -9.16
N ARG B 15 -8.00 1.76 -8.43
CA ARG B 15 -7.65 2.24 -7.13
C ARG B 15 -7.04 3.67 -7.22
N SER B 16 -6.18 3.92 -8.20
CA SER B 16 -5.64 5.28 -8.41
C SER B 16 -6.76 6.30 -8.59
N MSE B 17 -7.69 5.97 -9.47
CA MSE B 17 -8.89 6.76 -9.72
C MSE B 17 -9.77 6.94 -8.49
O MSE B 17 -10.31 8.03 -8.27
CB MSE B 17 -9.68 6.15 -10.86
CG MSE B 17 -8.92 6.17 -12.17
SE MSE B 17 -9.74 5.06 -13.53
CE MSE B 17 -11.21 6.20 -13.92
N ALA B 18 -9.94 5.91 -7.68
CA ALA B 18 -10.72 6.06 -6.43
C ALA B 18 -10.10 7.09 -5.44
N GLU B 19 -8.78 7.18 -5.38
CA GLU B 19 -8.11 8.21 -4.55
C GLU B 19 -8.47 9.62 -5.08
N GLU B 20 -8.54 9.79 -6.41
CA GLU B 20 -8.93 11.09 -6.96
CA GLU B 20 -8.96 11.06 -7.04
C GLU B 20 -10.42 11.43 -6.67
N ALA B 21 -11.29 10.44 -6.66
CA ALA B 21 -12.71 10.64 -6.31
C ALA B 21 -12.81 11.02 -4.84
N LEU B 22 -12.03 10.33 -4.00
CA LEU B 22 -12.02 10.65 -2.55
C LEU B 22 -11.50 12.07 -2.33
N GLY B 23 -10.47 12.41 -3.07
CA GLY B 23 -9.88 13.77 -3.02
C GLY B 23 -10.92 14.84 -3.31
N LYS B 24 -11.74 14.59 -4.32
CA LYS B 24 -12.81 15.52 -4.67
C LYS B 24 -13.85 15.65 -3.56
N LEU B 25 -14.28 14.52 -2.96
CA LEU B 25 -15.20 14.59 -1.83
C LEU B 25 -14.63 15.30 -0.62
N LYS B 26 -13.33 15.08 -0.36
CA LYS B 26 -12.65 15.76 0.74
C LYS B 26 -12.54 17.27 0.44
N ALA B 27 -12.39 17.62 -0.83
CA ALA B 27 -12.38 18.99 -1.29
C ALA B 27 -13.72 19.68 -0.97
N ILE B 28 -14.82 18.97 -1.18
CA ILE B 28 -16.16 19.48 -0.84
C ILE B 28 -16.24 19.81 0.63
N ARG B 29 -15.79 18.87 1.45
CA ARG B 29 -15.81 19.00 2.91
C ARG B 29 -15.12 20.29 3.38
N GLN B 30 -14.00 20.64 2.74
CA GLN B 30 -13.24 21.82 3.08
C GLN B 30 -13.95 23.14 2.88
N LEU B 31 -14.99 23.14 2.03
CA LEU B 31 -15.77 24.36 1.79
C LEU B 31 -16.86 24.63 2.84
N CYS B 32 -17.11 23.67 3.73
CA CYS B 32 -18.13 23.86 4.76
C CYS B 32 -17.80 25.09 5.61
N GLY B 33 -18.82 25.92 5.81
CA GLY B 33 -18.72 27.16 6.56
C GLY B 33 -17.81 28.23 5.95
N ALA B 34 -17.43 28.09 4.67
CA ALA B 34 -16.52 29.06 4.03
C ALA B 34 -17.17 30.42 3.88
N GLU B 35 -18.50 30.43 3.87
CA GLU B 35 -19.28 31.66 3.75
C GLU B 35 -19.42 32.45 5.05
N ASP B 36 -19.12 31.72 6.20
N ASP B 36 -19.22 31.78 6.20
CA ASP B 36 -18.90 32.25 7.52
CA ASP B 36 -19.51 32.38 7.51
C ASP B 36 -17.61 33.01 7.73
C ASP B 36 -18.23 32.54 8.32
N MSE B 43 -20.41 22.70 11.46
CA MSE B 43 -19.51 21.79 12.21
C MSE B 43 -20.09 20.39 12.43
O MSE B 43 -19.38 19.40 12.29
CB MSE B 43 -19.07 22.39 13.54
CG MSE B 43 -17.66 21.93 13.98
SE MSE B 43 -16.25 22.75 12.87
CE MSE B 43 -15.08 21.19 12.66
N GLN B 44 -21.38 20.30 12.77
CA GLN B 44 -22.11 19.06 12.56
C GLN B 44 -22.10 18.72 11.06
N GLU B 45 -22.14 19.75 10.23
CA GLU B 45 -22.13 19.58 8.77
C GLU B 45 -20.83 18.93 8.34
N VAL B 46 -19.74 19.35 8.98
CA VAL B 46 -18.40 18.85 8.64
C VAL B 46 -18.36 17.40 9.03
N GLU B 47 -18.98 17.11 10.17
CA GLU B 47 -18.97 15.74 10.69
C GLU B 47 -19.76 14.77 9.84
N ILE B 48 -20.84 15.24 9.26
CA ILE B 48 -21.62 14.45 8.31
C ILE B 48 -20.75 14.02 7.10
N TRP B 49 -20.03 14.97 6.52
CA TRP B 49 -19.14 14.67 5.38
C TRP B 49 -18.04 13.69 5.82
N THR B 50 -17.38 13.98 6.93
CA THR B 50 -16.32 13.12 7.44
C THR B 50 -16.81 11.68 7.57
N ASN B 51 -17.96 11.52 8.18
CA ASN B 51 -18.47 10.18 8.41
C ASN B 51 -18.83 9.43 7.12
N ARG B 52 -19.45 10.13 6.19
CA ARG B 52 -19.85 9.54 4.93
CA ARG B 52 -19.86 9.55 4.90
C ARG B 52 -18.66 9.23 4.00
N ILE B 53 -17.63 10.08 4.05
CA ILE B 53 -16.38 9.83 3.31
C ILE B 53 -15.66 8.62 3.88
N LYS B 54 -15.65 8.50 5.22
CA LYS B 54 -14.99 7.39 5.86
C LYS B 54 -15.71 6.10 5.50
N GLU B 55 -17.03 6.14 5.49
CA GLU B 55 -17.85 4.97 5.12
C GLU B 55 -17.48 4.52 3.71
N LEU B 56 -17.36 5.49 2.79
CA LEU B 56 -17.00 5.16 1.41
C LEU B 56 -15.57 4.64 1.30
N GLU B 57 -14.64 5.30 2.01
CA GLU B 57 -13.27 4.88 2.00
C GLU B 57 -13.09 3.46 2.60
N ASP B 58 -13.75 3.16 3.72
CA ASP B 58 -13.70 1.80 4.30
C ASP B 58 -14.26 0.74 3.32
N TRP B 59 -15.36 1.07 2.63
CA TRP B 59 -15.90 0.19 1.60
C TRP B 59 -14.87 -0.04 0.46
N LEU B 60 -14.30 1.04 -0.06
CA LEU B 60 -13.37 0.93 -1.19
C LEU B 60 -12.21 0.01 -0.87
N TRP B 61 -11.60 0.21 0.28
CA TRP B 61 -10.37 -0.51 0.58
C TRP B 61 -10.63 -1.83 1.34
N GLY B 62 -11.85 -2.01 1.84
CA GLY B 62 -12.20 -3.19 2.63
C GLY B 62 -13.08 -4.21 1.94
N GLU B 63 -14.07 -3.75 1.18
CA GLU B 63 -15.18 -4.61 0.73
C GLU B 63 -15.39 -4.62 -0.78
N SER B 64 -15.04 -3.52 -1.45
CA SER B 64 -15.32 -3.33 -2.89
C SER B 64 -14.58 -4.30 -3.81
N PRO B 65 -14.96 -4.34 -5.08
CA PRO B 65 -14.19 -5.19 -6.00
C PRO B 65 -12.71 -4.85 -6.14
N ILE B 66 -12.32 -3.64 -5.72
CA ILE B 66 -10.91 -3.23 -5.79
C ILE B 66 -10.14 -3.29 -4.48
N ALA B 67 -10.77 -3.85 -3.43
CA ALA B 67 -10.14 -3.96 -2.13
C ALA B 67 -9.02 -5.01 -2.10
N MSE C 4 -18.44 37.53 2.03
CA MSE C 4 -18.60 37.75 0.56
C MSE C 4 -19.44 36.65 -0.12
O MSE C 4 -20.47 36.93 -0.71
CB MSE C 4 -17.24 37.90 -0.12
CG MSE C 4 -17.26 38.80 -1.35
SE MSE C 4 -18.15 40.51 -1.03
CE MSE C 4 -17.00 41.22 0.40
N MSE C 5 -18.99 35.39 -0.02
CA MSE C 5 -19.74 34.24 -0.58
C MSE C 5 -20.92 33.90 0.32
O MSE C 5 -20.76 33.83 1.55
CB MSE C 5 -18.81 33.02 -0.70
CG MSE C 5 -19.48 31.69 -1.11
SE MSE C 5 -18.21 30.17 -1.09
CE MSE C 5 -16.97 30.81 -2.43
N THR C 6 -22.10 33.68 -0.26
CA THR C 6 -23.28 33.26 0.51
C THR C 6 -23.30 31.74 0.70
N LYS C 7 -24.09 31.27 1.66
CA LYS C 7 -24.19 29.84 1.91
C LYS C 7 -24.79 29.12 0.69
N LYS C 8 -25.73 29.79 0.00
CA LYS C 8 -26.37 29.19 -1.17
C LYS C 8 -25.34 28.96 -2.28
N GLU C 9 -24.47 29.93 -2.47
CA GLU C 9 -23.39 29.84 -3.44
C GLU C 9 -22.40 28.76 -3.03
N ARG C 10 -22.12 28.67 -1.74
CA ARG C 10 -21.18 27.63 -1.28
C ARG C 10 -21.76 26.25 -1.51
N ILE C 11 -23.04 26.09 -1.22
CA ILE C 11 -23.69 24.84 -1.44
C ILE C 11 -23.73 24.50 -2.95
N ALA C 12 -23.99 25.50 -3.82
CA ALA C 12 -23.99 25.25 -5.27
C ALA C 12 -22.58 24.76 -5.75
N ILE C 13 -21.52 25.37 -5.22
CA ILE C 13 -20.14 24.95 -5.53
C ILE C 13 -19.92 23.48 -5.10
N GLN C 14 -20.34 23.13 -3.88
CA GLN C 14 -20.23 21.76 -3.36
C GLN C 14 -21.01 20.76 -4.23
N ARG C 15 -22.22 21.13 -4.64
CA ARG C 15 -23.00 20.33 -5.60
C ARG C 15 -22.30 20.14 -6.98
N SER C 16 -21.76 21.21 -7.54
CA SER C 16 -20.97 21.11 -8.75
CA SER C 16 -20.96 21.08 -8.78
C SER C 16 -19.80 20.10 -8.62
N MSE C 17 -19.08 20.19 -7.51
CA MSE C 17 -17.96 19.31 -7.19
C MSE C 17 -18.42 17.86 -6.98
O MSE C 17 -17.76 16.91 -7.43
CB MSE C 17 -17.20 19.81 -5.94
CG MSE C 17 -16.55 21.15 -6.19
SE MSE C 17 -15.92 21.88 -4.51
CE MSE C 17 -14.51 20.78 -4.08
N ALA C 18 -19.57 17.69 -6.34
CA ALA C 18 -20.17 16.37 -6.20
C ALA C 18 -20.40 15.72 -7.59
N GLU C 19 -20.87 16.46 -8.59
CA GLU C 19 -21.08 15.90 -9.91
C GLU C 19 -19.77 15.32 -10.45
N GLU C 20 -18.67 16.03 -10.20
CA GLU C 20 -17.32 15.62 -10.70
C GLU C 20 -16.84 14.36 -9.96
N ALA C 21 -17.12 14.30 -8.67
CA ALA C 21 -16.77 13.11 -7.86
C ALA C 21 -17.52 11.89 -8.38
N LEU C 22 -18.83 12.06 -8.65
CA LEU C 22 -19.64 10.97 -9.22
C LEU C 22 -19.15 10.54 -10.63
N GLY C 23 -18.73 11.54 -11.41
CA GLY C 23 -18.18 11.29 -12.74
C GLY C 23 -16.95 10.39 -12.64
N LYS C 24 -16.11 10.69 -11.66
CA LYS C 24 -14.90 9.90 -11.42
C LYS C 24 -15.23 8.42 -11.02
N LEU C 25 -16.13 8.23 -10.09
CA LEU C 25 -16.58 6.88 -9.71
C LEU C 25 -17.26 6.16 -10.88
N LYS C 26 -18.07 6.88 -11.67
CA LYS C 26 -18.65 6.30 -12.89
C LYS C 26 -17.57 5.90 -13.91
N ALA C 27 -16.51 6.71 -14.03
CA ALA C 27 -15.39 6.37 -14.91
C ALA C 27 -14.72 5.07 -14.47
N ILE C 28 -14.59 4.87 -13.15
CA ILE C 28 -14.03 3.62 -12.61
C ILE C 28 -14.88 2.41 -13.06
N ARG C 29 -16.20 2.57 -12.93
CA ARG C 29 -17.17 1.50 -13.30
C ARG C 29 -16.96 1.03 -14.74
N GLN C 30 -16.70 1.98 -15.64
CA GLN C 30 -16.50 1.67 -17.05
C GLN C 30 -15.31 0.79 -17.35
N LEU C 31 -14.35 0.69 -16.44
CA LEU C 31 -13.12 -0.09 -16.73
C LEU C 31 -13.24 -1.58 -16.30
N CYS C 32 -14.34 -1.93 -15.65
CA CYS C 32 -14.54 -3.31 -15.25
C CYS C 32 -14.54 -4.23 -16.51
N GLY C 33 -13.72 -5.24 -16.50
CA GLY C 33 -13.66 -6.15 -17.62
C GLY C 33 -13.06 -5.55 -18.85
N ALA C 34 -12.34 -4.44 -18.71
CA ALA C 34 -11.69 -3.84 -19.86
C ALA C 34 -10.66 -4.87 -20.40
N GLU C 35 -9.97 -5.55 -19.50
CA GLU C 35 -9.00 -6.59 -19.87
C GLU C 35 -9.66 -7.87 -20.39
N ASP C 36 -8.87 -8.86 -20.77
CA ASP C 36 -9.45 -10.15 -21.10
C ASP C 36 -10.31 -10.54 -19.90
N SER C 37 -11.61 -10.73 -20.12
N SER C 37 -11.59 -10.80 -20.14
CA SER C 37 -12.50 -11.06 -19.01
CA SER C 37 -12.52 -11.04 -19.04
C SER C 37 -13.77 -11.79 -19.41
C SER C 37 -13.76 -11.84 -19.44
N SER C 38 -14.27 -12.62 -18.48
CA SER C 38 -15.52 -13.35 -18.66
C SER C 38 -16.64 -12.40 -18.38
N ASP C 39 -17.66 -12.47 -19.23
CA ASP C 39 -18.81 -11.60 -19.18
C ASP C 39 -19.44 -11.60 -17.77
N SER C 40 -19.40 -12.73 -17.05
CA SER C 40 -20.06 -12.79 -15.73
C SER C 40 -19.22 -12.11 -14.62
N SER C 41 -17.90 -12.22 -14.73
CA SER C 41 -17.01 -11.53 -13.79
C SER C 41 -17.22 -10.02 -13.91
N ASP C 42 -17.17 -9.56 -15.14
CA ASP C 42 -17.44 -8.15 -15.48
C ASP C 42 -18.72 -7.71 -14.90
N MSE C 43 -19.77 -8.47 -15.20
CA MSE C 43 -21.09 -8.04 -14.81
C MSE C 43 -21.30 -8.02 -13.29
O MSE C 43 -22.00 -7.16 -12.79
CB MSE C 43 -22.15 -8.82 -15.56
CG MSE C 43 -22.13 -8.48 -17.09
SE MSE C 43 -22.39 -6.53 -17.39
CE MSE C 43 -20.62 -5.92 -17.81
N GLN C 44 -20.66 -8.94 -12.57
CA GLN C 44 -20.70 -8.95 -11.12
C GLN C 44 -20.09 -7.63 -10.58
N GLU C 45 -18.89 -7.30 -11.07
CA GLU C 45 -18.21 -6.04 -10.66
C GLU C 45 -19.02 -4.81 -11.01
N VAL C 46 -19.53 -4.78 -12.23
CA VAL C 46 -20.36 -3.64 -12.68
C VAL C 46 -21.59 -3.42 -11.79
N GLU C 47 -22.29 -4.49 -11.44
CA GLU C 47 -23.45 -4.39 -10.56
C GLU C 47 -23.11 -3.78 -9.21
N ILE C 48 -22.01 -4.22 -8.63
CA ILE C 48 -21.56 -3.72 -7.31
C ILE C 48 -21.22 -2.22 -7.35
N TRP C 49 -20.48 -1.81 -8.38
CA TRP C 49 -20.20 -0.37 -8.62
C TRP C 49 -21.47 0.45 -8.84
N THR C 50 -22.40 -0.06 -9.68
CA THR C 50 -23.65 0.60 -9.98
C THR C 50 -24.44 0.85 -8.71
N ASN C 51 -24.59 -0.19 -7.90
CA ASN C 51 -25.39 -0.06 -6.68
C ASN C 51 -24.78 0.87 -5.64
N ARG C 52 -23.45 0.78 -5.47
CA ARG C 52 -22.77 1.63 -4.51
C ARG C 52 -22.77 3.13 -4.98
N ILE C 53 -22.62 3.37 -6.27
CA ILE C 53 -22.71 4.73 -6.81
C ILE C 53 -24.11 5.26 -6.67
N LYS C 54 -25.11 4.41 -6.96
CA LYS C 54 -26.48 4.84 -6.81
C LYS C 54 -26.79 5.23 -5.37
N GLU C 55 -26.35 4.43 -4.40
CA GLU C 55 -26.49 4.73 -2.97
C GLU C 55 -25.88 6.06 -2.59
N LEU C 56 -24.69 6.31 -3.10
CA LEU C 56 -24.09 7.63 -2.86
C LEU C 56 -24.88 8.76 -3.50
N GLU C 57 -25.29 8.61 -4.75
CA GLU C 57 -26.12 9.63 -5.43
C GLU C 57 -27.38 9.98 -4.68
N ASP C 58 -28.09 8.95 -4.25
CA ASP C 58 -29.29 9.08 -3.41
C ASP C 58 -29.01 9.91 -2.16
N TRP C 59 -27.93 9.59 -1.46
CA TRP C 59 -27.54 10.34 -0.26
C TRP C 59 -27.25 11.80 -0.62
N LEU C 60 -26.44 11.99 -1.65
CA LEU C 60 -25.99 13.35 -2.03
C LEU C 60 -27.21 14.22 -2.31
N TRP C 61 -28.11 13.72 -3.15
CA TRP C 61 -29.17 14.57 -3.68
C TRP C 61 -30.45 14.52 -2.84
N GLY C 62 -30.53 13.58 -1.90
CA GLY C 62 -31.71 13.44 -1.01
C GLY C 62 -31.51 13.70 0.49
N GLU C 63 -30.36 13.36 1.05
CA GLU C 63 -30.16 13.35 2.50
C GLU C 63 -29.01 14.22 3.03
N SER C 64 -28.05 14.53 2.16
CA SER C 64 -26.85 15.17 2.55
C SER C 64 -27.03 16.66 2.83
N PRO C 65 -26.02 17.29 3.37
CA PRO C 65 -26.11 18.75 3.58
C PRO C 65 -26.31 19.61 2.31
N ILE C 66 -26.06 19.03 1.14
CA ILE C 66 -26.18 19.79 -0.12
C ILE C 66 -27.43 19.38 -0.93
N ALA C 67 -28.28 18.54 -0.35
CA ALA C 67 -29.51 18.13 -1.00
C ALA C 67 -30.53 19.29 -0.99
N MSE D 5 2.29 -4.36 -17.95
CA MSE D 5 3.15 -3.17 -18.18
C MSE D 5 4.52 -3.46 -17.61
O MSE D 5 4.71 -4.33 -16.78
CB MSE D 5 2.54 -1.91 -17.54
CG MSE D 5 2.64 -1.84 -16.03
SE MSE D 5 1.79 -0.22 -15.31
CE MSE D 5 -0.10 -0.65 -15.56
N THR D 6 5.49 -2.71 -18.08
CA THR D 6 6.82 -2.77 -17.51
C THR D 6 6.95 -1.80 -16.32
N LYS D 7 7.95 -2.03 -15.47
CA LYS D 7 8.25 -1.12 -14.37
C LYS D 7 8.62 0.25 -14.92
N LYS D 8 9.32 0.29 -16.04
CA LYS D 8 9.67 1.55 -16.69
C LYS D 8 8.38 2.31 -17.12
N GLU D 9 7.41 1.59 -17.64
CA GLU D 9 6.17 2.21 -18.06
C GLU D 9 5.42 2.71 -16.83
N ARG D 10 5.38 1.88 -15.80
CA ARG D 10 4.65 2.24 -14.58
C ARG D 10 5.30 3.47 -13.92
N ILE D 11 6.61 3.55 -13.97
CA ILE D 11 7.33 4.69 -13.42
C ILE D 11 7.05 5.96 -14.24
N ALA D 12 7.00 5.83 -15.57
CA ALA D 12 6.68 6.96 -16.45
C ALA D 12 5.32 7.53 -16.12
N ILE D 13 4.36 6.63 -15.92
CA ILE D 13 3.01 7.00 -15.60
C ILE D 13 2.97 7.72 -14.26
N GLN D 14 3.69 7.23 -13.25
CA GLN D 14 3.82 7.92 -11.97
C GLN D 14 4.48 9.29 -12.07
N ARG D 15 5.48 9.45 -12.93
CA ARG D 15 6.15 10.74 -13.11
C ARG D 15 5.18 11.74 -13.77
N SER D 16 4.43 11.28 -14.75
CA SER D 16 3.42 12.08 -15.44
C SER D 16 2.35 12.59 -14.44
N MSE D 17 1.90 11.70 -13.57
CA MSE D 17 0.96 12.04 -12.51
C MSE D 17 1.54 13.03 -11.49
O MSE D 17 0.86 13.93 -11.00
CB MSE D 17 0.50 10.79 -11.82
CG MSE D 17 -0.40 9.93 -12.74
SE MSE D 17 -0.60 8.18 -12.00
CE MSE D 17 -1.75 8.53 -10.69
N ALA D 18 2.82 12.85 -11.17
CA ALA D 18 3.54 13.76 -10.25
C ALA D 18 3.53 15.20 -10.80
N GLU D 19 3.71 15.35 -12.11
CA GLU D 19 3.68 16.69 -12.75
C GLU D 19 2.29 17.32 -12.54
N GLU D 20 1.24 16.50 -12.64
CA GLU D 20 -0.09 17.03 -12.40
C GLU D 20 -0.31 17.43 -10.96
N ALA D 21 0.16 16.61 -10.03
CA ALA D 21 0.12 16.93 -8.59
C ALA D 21 0.86 18.25 -8.30
N LEU D 22 2.06 18.38 -8.87
CA LEU D 22 2.84 19.60 -8.72
C LEU D 22 2.13 20.82 -9.30
N GLY D 23 1.51 20.63 -10.45
CA GLY D 23 0.71 21.69 -11.08
C GLY D 23 -0.40 22.20 -10.15
N LYS D 24 -1.07 21.28 -9.47
CA LYS D 24 -2.18 21.63 -8.57
C LYS D 24 -1.64 22.38 -7.35
N LEU D 25 -0.51 21.93 -6.79
CA LEU D 25 0.12 22.66 -5.69
C LEU D 25 0.57 24.06 -6.09
N LYS D 26 1.14 24.18 -7.27
CA LYS D 26 1.59 25.47 -7.73
C LYS D 26 0.39 26.40 -8.02
N ALA D 27 -0.75 25.81 -8.43
CA ALA D 27 -1.99 26.57 -8.67
C ALA D 27 -2.44 27.22 -7.37
N ILE D 28 -2.37 26.45 -6.27
CA ILE D 28 -2.74 26.96 -4.96
C ILE D 28 -1.99 28.20 -4.64
N ARG D 29 -0.67 28.13 -4.84
CA ARG D 29 0.22 29.24 -4.58
CA ARG D 29 0.22 29.23 -4.58
C ARG D 29 -0.17 30.54 -5.28
N GLN D 30 -0.66 30.44 -6.50
CA GLN D 30 -1.08 31.62 -7.25
C GLN D 30 -2.24 32.40 -6.62
N LEU D 31 -3.02 31.80 -5.70
CA LEU D 31 -4.16 32.48 -5.09
C LEU D 31 -3.80 33.28 -3.83
N CYS D 32 -2.57 33.14 -3.33
CA CYS D 32 -2.13 33.92 -2.15
C CYS D 32 -2.17 35.40 -2.50
N GLY D 33 -2.65 36.21 -1.58
CA GLY D 33 -2.67 37.66 -1.78
C GLY D 33 -3.49 38.12 -2.96
N ALA D 34 -4.56 37.40 -3.30
CA ALA D 34 -5.43 37.78 -4.45
C ALA D 34 -6.27 39.02 -4.10
N GLU D 35 -6.46 39.20 -2.79
CA GLU D 35 -7.14 40.36 -2.24
C GLU D 35 -6.28 41.65 -2.36
N ASP D 36 -6.96 42.77 -2.53
CA ASP D 36 -6.29 44.04 -2.77
C ASP D 36 -5.65 44.62 -1.49
N SER D 37 -5.95 44.01 -0.34
CA SER D 37 -5.25 44.33 0.93
C SER D 37 -4.00 43.46 1.17
N SER D 38 -3.42 42.93 0.08
CA SER D 38 -2.27 42.05 0.20
C SER D 38 -1.00 42.85 0.48
N ASP D 39 -0.08 42.24 1.22
CA ASP D 39 1.15 42.93 1.57
C ASP D 39 2.36 41.96 1.66
N SER D 40 3.38 42.34 2.41
CA SER D 40 4.58 41.50 2.59
C SER D 40 4.22 40.15 3.22
N SER D 41 3.15 40.12 4.00
CA SER D 41 2.70 38.87 4.63
C SER D 41 2.22 37.87 3.54
N ASP D 42 1.55 38.38 2.53
CA ASP D 42 1.08 37.55 1.44
C ASP D 42 2.22 37.04 0.56
N MSE D 43 3.23 37.87 0.35
CA MSE D 43 4.41 37.44 -0.37
C MSE D 43 5.20 36.38 0.39
O MSE D 43 5.82 35.48 -0.22
CB MSE D 43 5.31 38.65 -0.67
CG MSE D 43 6.44 38.36 -1.60
SE MSE D 43 5.79 37.53 -3.29
CE MSE D 43 5.32 39.22 -4.14
N GLN D 44 5.24 36.51 1.69
CA GLN D 44 5.86 35.51 2.52
C GLN D 44 5.15 34.14 2.39
N GLU D 45 3.82 34.14 2.34
CA GLU D 45 3.00 32.93 2.08
C GLU D 45 3.37 32.28 0.77
N VAL D 46 3.44 33.09 -0.29
CA VAL D 46 3.90 32.63 -1.58
C VAL D 46 5.27 31.94 -1.47
N GLU D 47 6.22 32.59 -0.78
CA GLU D 47 7.58 31.99 -0.63
C GLU D 47 7.55 30.68 0.17
N ILE D 48 6.74 30.64 1.21
CA ILE D 48 6.57 29.43 2.02
C ILE D 48 6.04 28.28 1.12
N TRP D 49 5.05 28.56 0.29
CA TRP D 49 4.55 27.57 -0.70
C TRP D 49 5.63 27.16 -1.69
N THR D 50 6.35 28.14 -2.23
CA THR D 50 7.41 27.90 -3.20
C THR D 50 8.48 26.97 -2.67
N ASN D 51 8.90 27.24 -1.43
CA ASN D 51 9.94 26.45 -0.78
CA ASN D 51 9.92 26.44 -0.74
C ASN D 51 9.47 25.00 -0.49
N ARG D 52 8.26 24.86 0.00
N ARG D 52 8.26 24.84 0.02
CA ARG D 52 7.73 23.52 0.25
CA ARG D 52 7.73 23.49 0.29
C ARG D 52 7.58 22.74 -1.05
C ARG D 52 7.53 22.72 -1.03
N ILE D 53 7.05 23.40 -2.07
CA ILE D 53 6.90 22.74 -3.38
C ILE D 53 8.27 22.38 -4.00
N LYS D 54 9.24 23.28 -3.88
CA LYS D 54 10.59 22.97 -4.33
C LYS D 54 11.19 21.75 -3.59
N GLU D 55 10.98 21.65 -2.29
CA GLU D 55 11.47 20.49 -1.52
C GLU D 55 10.89 19.17 -2.09
N LEU D 56 9.60 19.21 -2.33
CA LEU D 56 8.90 18.05 -2.88
C LEU D 56 9.38 17.74 -4.28
N GLU D 57 9.47 18.76 -5.12
CA GLU D 57 9.90 18.58 -6.49
C GLU D 57 11.34 18.07 -6.58
N ASP D 58 12.21 18.58 -5.71
CA ASP D 58 13.61 18.10 -5.70
C ASP D 58 13.67 16.65 -5.26
N TRP D 59 12.90 16.29 -4.23
CA TRP D 59 12.77 14.89 -3.82
C TRP D 59 12.28 14.00 -4.97
N LEU D 60 11.20 14.42 -5.63
CA LEU D 60 10.59 13.61 -6.66
C LEU D 60 11.59 13.27 -7.71
N TRP D 61 12.30 14.29 -8.20
CA TRP D 61 13.17 14.08 -9.35
C TRP D 61 14.60 13.70 -8.98
N GLY D 62 14.98 13.89 -7.72
CA GLY D 62 16.34 13.57 -7.26
C GLY D 62 16.49 12.31 -6.44
N GLU D 63 15.52 12.02 -5.58
CA GLU D 63 15.67 10.95 -4.60
C GLU D 63 14.56 9.90 -4.53
N SER D 64 13.42 10.17 -5.13
CA SER D 64 12.23 9.30 -4.93
C SER D 64 12.33 7.99 -5.71
N PRO D 65 11.40 7.05 -5.44
CA PRO D 65 11.36 5.85 -6.22
C PRO D 65 11.16 6.08 -7.73
N ILE D 66 10.72 7.29 -8.11
CA ILE D 66 10.53 7.59 -9.54
C ILE D 66 11.58 8.54 -10.16
N ALA D 67 12.62 8.85 -9.40
CA ALA D 67 13.70 9.68 -9.83
C ALA D 67 14.56 8.94 -10.85
N THR E 6 -21.84 -42.12 -26.91
CA THR E 6 -23.16 -42.04 -26.24
C THR E 6 -23.03 -41.31 -24.90
N LYS E 7 -21.86 -41.46 -24.26
CA LYS E 7 -21.51 -40.59 -23.16
C LYS E 7 -21.54 -39.13 -23.59
N LYS E 8 -21.04 -38.83 -24.79
CA LYS E 8 -21.01 -37.44 -25.24
C LYS E 8 -22.46 -36.91 -25.33
N GLU E 9 -23.36 -37.73 -25.89
CA GLU E 9 -24.77 -37.34 -26.01
C GLU E 9 -25.38 -37.11 -24.64
N ARG E 10 -25.17 -38.05 -23.72
CA ARG E 10 -25.70 -37.91 -22.37
C ARG E 10 -25.23 -36.61 -21.72
N ILE E 11 -23.94 -36.28 -21.88
CA ILE E 11 -23.36 -35.04 -21.33
C ILE E 11 -24.02 -33.82 -21.98
N ALA E 12 -24.26 -33.85 -23.29
CA ALA E 12 -24.92 -32.74 -23.97
C ALA E 12 -26.31 -32.46 -23.39
N ILE E 13 -27.06 -33.53 -23.12
CA ILE E 13 -28.39 -33.42 -22.51
C ILE E 13 -28.28 -32.85 -21.10
N GLN E 14 -27.30 -33.31 -20.31
CA GLN E 14 -27.03 -32.71 -19.01
C GLN E 14 -26.69 -31.20 -19.05
N ARG E 15 -25.89 -30.79 -20.04
CA ARG E 15 -25.56 -29.36 -20.21
C ARG E 15 -26.81 -28.54 -20.62
N SER E 16 -27.63 -29.11 -21.48
CA SER E 16 -28.89 -28.49 -21.84
CA SER E 16 -28.91 -28.46 -21.84
C SER E 16 -29.77 -28.23 -20.59
N MSE E 17 -29.94 -29.27 -19.78
CA MSE E 17 -30.68 -29.16 -18.51
C MSE E 17 -30.03 -28.16 -17.54
O MSE E 17 -30.73 -27.45 -16.80
CB MSE E 17 -30.79 -30.54 -17.84
CG MSE E 17 -31.55 -31.55 -18.71
SE MSE E 17 -31.30 -33.38 -18.10
CE MSE E 17 -32.35 -33.29 -16.59
N ALA E 18 -28.69 -28.13 -17.48
CA ALA E 18 -28.00 -27.18 -16.58
C ALA E 18 -28.39 -25.73 -16.91
N GLU E 19 -28.54 -25.45 -18.18
CA GLU E 19 -28.94 -24.08 -18.63
C GLU E 19 -30.31 -23.76 -18.04
N GLU E 20 -31.24 -24.74 -18.03
CA GLU E 20 -32.56 -24.54 -17.43
C GLU E 20 -32.48 -24.34 -15.91
N ALA E 21 -31.62 -25.12 -15.23
CA ALA E 21 -31.40 -24.95 -13.80
C ALA E 21 -30.87 -23.55 -13.47
N LEU E 22 -29.89 -23.08 -14.24
CA LEU E 22 -29.33 -21.72 -14.08
C LEU E 22 -30.43 -20.67 -14.37
N GLY E 23 -31.26 -20.91 -15.38
CA GLY E 23 -32.35 -19.97 -15.65
C GLY E 23 -33.30 -19.81 -14.49
N LYS E 24 -33.58 -20.92 -13.77
CA LYS E 24 -34.50 -20.92 -12.62
C LYS E 24 -33.88 -20.17 -11.43
N LEU E 25 -32.60 -20.34 -11.25
CA LEU E 25 -31.91 -19.58 -10.21
C LEU E 25 -31.86 -18.09 -10.56
N LYS E 26 -31.58 -17.80 -11.80
CA LYS E 26 -31.63 -16.41 -12.25
C LYS E 26 -33.03 -15.81 -12.11
N ALA E 27 -34.05 -16.63 -12.43
CA ALA E 27 -35.45 -16.23 -12.22
C ALA E 27 -35.73 -15.81 -10.74
N ILE E 28 -35.17 -16.53 -9.81
CA ILE E 28 -35.30 -16.24 -8.41
C ILE E 28 -34.70 -14.86 -8.07
N ARG E 29 -33.49 -14.63 -8.56
CA ARG E 29 -32.76 -13.38 -8.34
C ARG E 29 -33.56 -12.15 -8.78
N GLN E 30 -34.28 -12.28 -9.89
CA GLN E 30 -35.10 -11.20 -10.42
C GLN E 30 -36.26 -10.72 -9.50
N LEU E 31 -36.65 -11.53 -8.52
CA LEU E 31 -37.73 -11.16 -7.60
C LEU E 31 -37.25 -10.37 -6.36
N CYS E 32 -35.95 -10.20 -6.25
CA CYS E 32 -35.39 -9.48 -5.11
C CYS E 32 -35.83 -8.05 -5.16
N GLY E 33 -36.30 -7.56 -4.02
CA GLY E 33 -36.76 -6.19 -3.83
C GLY E 33 -38.06 -5.87 -4.56
N ALA E 34 -38.78 -6.87 -5.07
CA ALA E 34 -39.93 -6.58 -5.96
C ALA E 34 -41.00 -5.83 -5.19
N GLU E 35 -41.16 -6.24 -3.93
CA GLU E 35 -42.12 -5.72 -2.99
C GLU E 35 -41.83 -4.32 -2.46
N ASP E 36 -40.68 -3.75 -2.84
CA ASP E 36 -40.34 -2.39 -2.41
C ASP E 36 -40.98 -1.39 -3.33
N ASP E 42 -32.81 -3.50 -0.78
CA ASP E 42 -31.53 -4.09 -0.35
C ASP E 42 -30.76 -4.66 -1.55
N MSE E 43 -29.75 -3.90 -1.99
CA MSE E 43 -29.02 -4.31 -3.17
C MSE E 43 -27.97 -5.40 -2.82
O MSE E 43 -27.53 -6.12 -3.70
CB MSE E 43 -28.37 -3.09 -3.87
CG MSE E 43 -29.39 -2.04 -4.38
SE MSE E 43 -30.99 -2.80 -5.23
CE MSE E 43 -30.14 -3.57 -6.77
N GLN E 44 -27.59 -5.52 -1.55
CA GLN E 44 -26.69 -6.61 -1.13
C GLN E 44 -27.31 -8.00 -1.37
N GLU E 45 -28.63 -8.09 -1.18
CA GLU E 45 -29.39 -9.33 -1.38
C GLU E 45 -29.23 -9.78 -2.81
N VAL E 46 -29.43 -8.84 -3.74
CA VAL E 46 -29.27 -9.17 -5.17
C VAL E 46 -27.84 -9.59 -5.47
N GLU E 47 -26.85 -8.88 -4.91
CA GLU E 47 -25.45 -9.20 -5.20
C GLU E 47 -25.02 -10.60 -4.67
N ILE E 48 -25.57 -10.97 -3.54
CA ILE E 48 -25.42 -12.36 -3.00
C ILE E 48 -25.87 -13.38 -4.04
N TRP E 49 -27.07 -13.20 -4.59
CA TRP E 49 -27.54 -14.10 -5.67
C TRP E 49 -26.65 -14.09 -6.89
N THR E 50 -26.34 -12.89 -7.41
CA THR E 50 -25.38 -12.81 -8.48
C THR E 50 -24.15 -13.66 -8.20
N ASN E 51 -23.59 -13.51 -7.01
CA ASN E 51 -22.32 -14.16 -6.69
C ASN E 51 -22.51 -15.68 -6.65
N ARG E 52 -23.56 -16.14 -5.99
CA ARG E 52 -23.74 -17.59 -5.87
C ARG E 52 -24.11 -18.24 -7.20
N ILE E 53 -24.91 -17.54 -8.03
CA ILE E 53 -25.18 -18.05 -9.38
C ILE E 53 -23.92 -18.09 -10.23
N LYS E 54 -23.12 -17.05 -10.15
CA LYS E 54 -21.86 -17.07 -10.90
C LYS E 54 -20.97 -18.23 -10.48
N GLU E 55 -20.85 -18.47 -9.18
CA GLU E 55 -20.05 -19.55 -8.62
C GLU E 55 -20.46 -20.87 -9.25
N LEU E 56 -21.76 -21.15 -9.22
CA LEU E 56 -22.28 -22.38 -9.82
C LEU E 56 -22.04 -22.45 -11.32
N GLU E 57 -22.26 -21.33 -12.04
CA GLU E 57 -22.15 -21.35 -13.48
C GLU E 57 -20.69 -21.62 -13.88
N ASP E 58 -19.76 -20.95 -13.22
CA ASP E 58 -18.33 -21.16 -13.39
C ASP E 58 -17.93 -22.62 -13.08
N TRP E 59 -18.52 -23.22 -12.05
CA TRP E 59 -18.25 -24.64 -11.75
C TRP E 59 -18.76 -25.50 -12.91
N LEU E 60 -20.01 -25.28 -13.32
CA LEU E 60 -20.64 -26.09 -14.36
C LEU E 60 -19.80 -26.13 -15.65
N TRP E 61 -19.43 -24.94 -16.14
CA TRP E 61 -18.78 -24.85 -17.43
C TRP E 61 -17.26 -24.92 -17.34
N GLY E 62 -16.73 -24.85 -16.13
CA GLY E 62 -15.29 -24.87 -15.88
C GLY E 62 -14.66 -26.08 -15.19
N GLU E 63 -15.35 -26.69 -14.22
CA GLU E 63 -14.73 -27.77 -13.42
C GLU E 63 -15.57 -29.03 -13.34
N SER E 64 -16.87 -28.92 -13.63
CA SER E 64 -17.82 -30.01 -13.35
C SER E 64 -17.60 -31.16 -14.33
N PRO E 65 -18.24 -32.32 -14.07
CA PRO E 65 -18.22 -33.41 -15.02
C PRO E 65 -18.76 -33.14 -16.45
N ILE E 66 -19.50 -32.04 -16.59
CA ILE E 66 -20.06 -31.72 -17.91
C ILE E 66 -19.38 -30.53 -18.57
N ALA E 67 -18.27 -30.07 -17.98
CA ALA E 67 -17.51 -28.97 -18.54
C ALA E 67 -16.76 -29.43 -19.81
N THR F 6 -12.96 37.32 0.64
CA THR F 6 -12.28 37.30 1.98
C THR F 6 -11.13 36.29 2.00
N LYS F 7 -10.14 36.56 2.85
CA LYS F 7 -8.98 35.71 2.95
C LYS F 7 -9.42 34.32 3.40
N LYS F 8 -10.40 34.29 4.30
CA LYS F 8 -10.95 33.05 4.82
C LYS F 8 -11.56 32.20 3.70
N GLU F 9 -12.28 32.84 2.78
CA GLU F 9 -12.93 32.05 1.74
C GLU F 9 -11.86 31.58 0.70
N ARG F 10 -10.89 32.44 0.44
CA ARG F 10 -9.77 32.09 -0.44
C ARG F 10 -8.97 30.92 0.21
N ILE F 11 -8.79 30.97 1.53
CA ILE F 11 -8.12 29.89 2.26
C ILE F 11 -8.92 28.56 2.19
N ALA F 12 -10.25 28.62 2.24
CA ALA F 12 -11.07 27.39 2.16
C ALA F 12 -10.90 26.77 0.77
N ILE F 13 -10.88 27.64 -0.24
CA ILE F 13 -10.70 27.20 -1.61
C ILE F 13 -9.30 26.58 -1.79
N GLN F 14 -8.26 27.18 -1.18
CA GLN F 14 -6.92 26.60 -1.22
C GLN F 14 -6.86 25.22 -0.50
N ARG F 15 -7.58 25.08 0.61
CA ARG F 15 -7.69 23.81 1.30
C ARG F 15 -8.43 22.77 0.45
N SER F 16 -9.48 23.16 -0.26
CA SER F 16 -10.19 22.24 -1.13
C SER F 16 -9.24 21.74 -2.24
N MSE F 17 -8.49 22.65 -2.85
CA MSE F 17 -7.48 22.31 -3.84
C MSE F 17 -6.40 21.38 -3.29
O MSE F 17 -5.93 20.48 -3.99
CB MSE F 17 -6.84 23.59 -4.44
CG MSE F 17 -7.82 24.42 -5.25
SE MSE F 17 -7.21 26.25 -5.56
CE MSE F 17 -5.83 25.90 -6.92
N ALA F 18 -5.95 21.62 -2.07
CA ALA F 18 -4.93 20.79 -1.47
C ALA F 18 -5.42 19.33 -1.36
N GLU F 19 -6.69 19.13 -1.04
CA GLU F 19 -7.25 17.77 -0.96
C GLU F 19 -7.11 17.05 -2.33
N GLU F 20 -7.27 17.80 -3.42
CA GLU F 20 -7.19 17.25 -4.79
C GLU F 20 -5.74 16.91 -5.14
N ALA F 21 -4.80 17.74 -4.70
CA ALA F 21 -3.37 17.51 -4.91
C ALA F 21 -2.96 16.23 -4.15
N LEU F 22 -3.45 16.12 -2.92
CA LEU F 22 -3.20 14.96 -2.10
C LEU F 22 -3.80 13.71 -2.73
N GLY F 23 -5.01 13.84 -3.24
CA GLY F 23 -5.62 12.71 -4.01
C GLY F 23 -4.75 12.23 -5.19
N LYS F 24 -4.17 13.15 -5.94
CA LYS F 24 -3.30 12.81 -7.05
C LYS F 24 -2.02 12.08 -6.57
N LEU F 25 -1.42 12.57 -5.49
CA LEU F 25 -0.28 11.89 -4.87
C LEU F 25 -0.64 10.45 -4.39
N LYS F 26 -1.78 10.30 -3.72
CA LYS F 26 -2.26 8.98 -3.29
C LYS F 26 -2.56 8.06 -4.48
N ALA F 27 -3.02 8.65 -5.57
CA ALA F 27 -3.25 7.92 -6.82
C ALA F 27 -1.94 7.33 -7.35
N ILE F 28 -0.85 8.11 -7.26
CA ILE F 28 0.47 7.64 -7.65
C ILE F 28 0.88 6.43 -6.74
N ARG F 29 0.66 6.55 -5.44
CA ARG F 29 0.96 5.45 -4.52
C ARG F 29 0.27 4.11 -4.91
N GLN F 30 -0.94 4.19 -5.46
CA GLN F 30 -1.68 2.98 -5.79
C GLN F 30 -1.09 2.23 -6.97
N LEU F 31 -0.22 2.88 -7.74
CA LEU F 31 0.37 2.21 -8.88
C LEU F 31 1.67 1.49 -8.56
N CYS F 32 2.16 1.57 -7.33
CA CYS F 32 3.39 0.86 -6.95
C CYS F 32 3.18 -0.64 -7.09
N GLY F 33 4.09 -1.29 -7.77
CA GLY F 33 4.01 -2.74 -7.93
C GLY F 33 2.97 -3.19 -8.93
N ALA F 34 2.43 -2.28 -9.75
CA ALA F 34 1.34 -2.65 -10.68
C ALA F 34 1.83 -3.72 -11.65
N GLU F 35 3.10 -3.60 -12.03
CA GLU F 35 3.73 -4.48 -13.02
C GLU F 35 4.09 -5.86 -12.45
N SER F 40 8.15 -6.21 -1.51
CA SER F 40 9.45 -5.97 -0.86
C SER F 40 10.03 -4.64 -1.30
N SER F 41 10.36 -4.54 -2.58
CA SER F 41 10.63 -3.23 -3.19
C SER F 41 9.27 -2.58 -3.35
N ASP F 42 8.26 -3.37 -3.70
CA ASP F 42 6.91 -2.84 -3.74
C ASP F 42 6.54 -2.30 -2.36
N MSE F 43 6.85 -3.03 -1.30
CA MSE F 43 6.50 -2.56 0.03
C MSE F 43 7.40 -1.41 0.51
O MSE F 43 6.91 -0.49 1.15
CB MSE F 43 6.41 -3.70 1.03
CG MSE F 43 5.12 -4.59 0.81
SE MSE F 43 3.40 -3.70 0.26
CE MSE F 43 2.95 -2.67 1.86
N GLN F 44 8.67 -1.42 0.15
CA GLN F 44 9.54 -0.25 0.40
C GLN F 44 8.98 1.01 -0.31
N GLU F 45 8.65 0.88 -1.60
CA GLU F 45 8.10 2.01 -2.38
C GLU F 45 6.85 2.52 -1.73
N VAL F 46 5.95 1.60 -1.37
CA VAL F 46 4.69 1.98 -0.78
C VAL F 46 4.90 2.74 0.51
N GLU F 47 5.82 2.27 1.36
CA GLU F 47 6.09 2.94 2.57
C GLU F 47 6.63 4.38 2.37
N ILE F 48 7.51 4.53 1.43
CA ILE F 48 8.12 5.82 1.12
C ILE F 48 7.04 6.81 0.68
N TRP F 49 6.18 6.39 -0.26
CA TRP F 49 5.04 7.30 -0.68
C TRP F 49 4.09 7.62 0.49
N THR F 50 3.72 6.62 1.26
CA THR F 50 2.88 6.83 2.43
C THR F 50 3.45 7.94 3.30
N ASN F 51 4.72 7.82 3.60
CA ASN F 51 5.38 8.77 4.50
C ASN F 51 5.50 10.17 3.92
N ARG F 52 5.93 10.28 2.66
CA ARG F 52 5.97 11.59 1.99
C ARG F 52 4.61 12.28 1.96
N ILE F 53 3.58 11.52 1.61
CA ILE F 53 2.22 12.04 1.61
C ILE F 53 1.74 12.45 3.01
N LYS F 54 1.96 11.64 4.04
CA LYS F 54 1.56 12.00 5.40
C LYS F 54 2.28 13.22 5.91
N GLU F 55 3.57 13.32 5.59
CA GLU F 55 4.39 14.50 5.88
C GLU F 55 3.79 15.76 5.22
N LEU F 56 3.42 15.68 3.93
CA LEU F 56 2.78 16.82 3.27
C LEU F 56 1.45 17.15 3.93
N GLU F 57 0.64 16.15 4.25
CA GLU F 57 -0.66 16.37 4.90
CA GLU F 57 -0.66 16.37 4.91
C GLU F 57 -0.47 17.07 6.24
N ASP F 58 0.45 16.55 7.06
CA ASP F 58 0.76 17.18 8.36
C ASP F 58 1.24 18.67 8.17
N TRP F 59 2.03 18.95 7.15
CA TRP F 59 2.45 20.32 6.85
C TRP F 59 1.24 21.17 6.43
N LEU F 60 0.47 20.68 5.46
CA LEU F 60 -0.71 21.43 4.95
C LEU F 60 -1.63 21.84 6.10
N TRP F 61 -1.98 20.89 6.94
CA TRP F 61 -3.02 21.11 7.93
C TRP F 61 -2.50 21.61 9.29
N GLY F 62 -1.19 21.60 9.45
CA GLY F 62 -0.53 21.93 10.70
C GLY F 62 0.39 23.13 10.64
N GLU F 63 1.10 23.35 9.54
CA GLU F 63 2.22 24.32 9.48
C GLU F 63 2.08 25.39 8.41
N SER F 64 1.45 25.01 7.28
CA SER F 64 1.36 25.81 6.09
C SER F 64 0.50 27.04 6.31
N PRO F 65 0.53 27.96 5.33
CA PRO F 65 -0.33 29.11 5.44
C PRO F 65 -1.84 28.83 5.46
N ILE F 66 -2.28 27.63 5.09
CA ILE F 66 -3.69 27.28 5.12
C ILE F 66 -4.11 26.38 6.30
N ALA F 67 -3.21 26.20 7.25
CA ALA F 67 -3.46 25.39 8.44
C ALA F 67 -4.48 26.12 9.32
N MSE G 4 6.00 1.40 29.73
CA MSE G 4 7.05 0.52 30.36
C MSE G 4 8.49 0.89 29.96
O MSE G 4 9.44 0.67 30.75
CB MSE G 4 6.79 -0.94 30.01
CG MSE G 4 8.04 -1.80 30.00
SE MSE G 4 7.65 -3.65 29.75
CE MSE G 4 7.69 -3.73 27.78
N MSE G 5 8.64 1.41 28.74
CA MSE G 5 9.92 1.83 28.21
C MSE G 5 9.95 3.33 27.93
O MSE G 5 9.02 3.88 27.34
CB MSE G 5 10.25 1.08 26.91
CG MSE G 5 10.36 -0.44 27.07
SE MSE G 5 10.73 -1.28 25.33
CE MSE G 5 9.07 -0.80 24.43
N THR G 6 11.02 3.99 28.33
CA THR G 6 11.36 5.26 27.73
C THR G 6 11.85 5.00 26.30
N LYS G 7 12.02 6.06 25.54
CA LYS G 7 12.72 5.97 24.26
C LYS G 7 14.17 5.49 24.47
N LYS G 8 14.82 5.95 25.53
CA LYS G 8 16.20 5.55 25.81
C LYS G 8 16.26 4.02 25.99
N GLU G 9 15.33 3.51 26.74
CA GLU G 9 15.28 2.09 27.04
C GLU G 9 14.99 1.28 25.78
N ARG G 10 14.10 1.78 24.97
CA ARG G 10 13.75 1.10 23.74
C ARG G 10 14.92 1.03 22.77
N ILE G 11 15.65 2.15 22.65
CA ILE G 11 16.83 2.22 21.84
C ILE G 11 17.91 1.27 22.38
N ALA G 12 18.05 1.19 23.70
CA ALA G 12 19.03 0.28 24.34
C ALA G 12 18.72 -1.18 23.99
N ILE G 13 17.45 -1.53 24.09
CA ILE G 13 16.93 -2.80 23.62
C ILE G 13 17.18 -3.06 22.12
N GLN G 14 16.98 -2.07 21.27
CA GLN G 14 17.30 -2.23 19.85
C GLN G 14 18.85 -2.46 19.63
N ARG G 15 19.66 -1.73 20.39
CA ARG G 15 21.14 -1.87 20.32
C ARG G 15 21.55 -3.29 20.77
N SER G 16 20.90 -3.79 21.82
N SER G 16 20.89 -3.81 21.81
CA SER G 16 21.14 -5.13 22.33
CA SER G 16 21.17 -5.18 22.30
C SER G 16 20.83 -6.18 21.24
C SER G 16 20.85 -6.18 21.20
N MSE G 17 19.66 -6.06 20.60
CA MSE G 17 19.28 -6.91 19.47
C MSE G 17 20.20 -6.79 18.26
O MSE G 17 20.44 -7.78 17.57
CB MSE G 17 17.81 -6.64 19.01
CG MSE G 17 16.81 -6.96 20.12
SE MSE G 17 15.10 -6.13 19.75
CE MSE G 17 14.60 -7.22 18.29
N ALA G 18 20.73 -5.59 18.01
CA ALA G 18 21.67 -5.36 16.91
C ALA G 18 22.95 -6.15 17.12
N GLU G 19 23.43 -6.24 18.37
CA GLU G 19 24.61 -7.07 18.67
C GLU G 19 24.30 -8.56 18.33
N GLU G 20 23.07 -9.03 18.61
CA GLU G 20 22.72 -10.40 18.30
C GLU G 20 22.68 -10.60 16.77
N ALA G 21 22.10 -9.65 16.04
CA ALA G 21 22.08 -9.70 14.55
C ALA G 21 23.52 -9.77 13.96
N LEU G 22 24.39 -8.89 14.44
CA LEU G 22 25.79 -8.87 14.06
C LEU G 22 26.44 -10.25 14.40
N GLY G 23 26.14 -10.80 15.56
CA GLY G 23 26.68 -12.14 15.94
C GLY G 23 26.31 -13.21 14.89
N LYS G 24 25.08 -13.15 14.42
CA LYS G 24 24.57 -14.12 13.46
C LYS G 24 25.29 -13.93 12.12
N LEU G 25 25.52 -12.67 11.72
CA LEU G 25 26.27 -12.43 10.48
C LEU G 25 27.72 -12.83 10.64
N LYS G 26 28.32 -12.58 11.81
CA LYS G 26 29.68 -13.04 12.00
C LYS G 26 29.76 -14.58 12.05
N ALA G 27 28.73 -15.22 12.60
CA ALA G 27 28.66 -16.69 12.58
C ALA G 27 28.69 -17.22 11.16
N ILE G 28 27.99 -16.55 10.26
CA ILE G 28 27.95 -16.94 8.84
C ILE G 28 29.35 -16.90 8.25
N ARG G 29 30.07 -15.85 8.56
CA ARG G 29 31.42 -15.64 8.06
CA ARG G 29 31.44 -15.61 8.08
C ARG G 29 32.40 -16.76 8.46
N GLN G 30 32.16 -17.40 9.61
CA GLN G 30 32.98 -18.53 10.07
C GLN G 30 32.73 -19.81 9.27
N LEU G 31 31.72 -19.87 8.40
CA LEU G 31 31.46 -21.11 7.65
C LEU G 31 31.85 -21.08 6.16
N CYS G 32 32.79 -20.21 5.83
CA CYS G 32 33.17 -20.05 4.40
C CYS G 32 34.05 -21.18 3.82
N GLY G 33 34.72 -21.91 4.69
CA GLY G 33 35.52 -23.08 4.27
C GLY G 33 34.72 -24.26 3.74
N ALA G 34 35.19 -24.88 2.68
CA ALA G 34 34.56 -26.12 2.23
C ALA G 34 35.60 -27.07 1.63
N GLU G 35 35.18 -28.32 1.51
CA GLU G 35 35.95 -29.43 0.95
C GLU G 35 36.44 -29.14 -0.45
N ASP G 36 35.50 -28.79 -1.31
CA ASP G 36 35.67 -28.81 -2.76
C ASP G 36 35.86 -27.42 -3.39
N SER G 37 36.03 -26.39 -2.56
CA SER G 37 36.36 -25.05 -3.03
C SER G 37 37.83 -24.80 -2.71
N SER G 38 38.42 -23.78 -3.34
CA SER G 38 39.83 -23.44 -3.11
C SER G 38 39.93 -22.64 -1.82
N ASP G 39 41.03 -22.79 -1.11
CA ASP G 39 41.22 -21.98 0.07
C ASP G 39 41.19 -20.49 -0.26
N SER G 40 41.75 -20.08 -1.41
CA SER G 40 41.80 -18.64 -1.75
C SER G 40 40.40 -18.08 -2.01
N SER G 41 39.60 -18.81 -2.78
CA SER G 41 38.21 -18.40 -3.04
CA SER G 41 38.22 -18.38 -3.04
C SER G 41 37.41 -18.26 -1.73
N ASP G 42 37.55 -19.23 -0.82
CA ASP G 42 36.88 -19.16 0.50
C ASP G 42 37.40 -17.97 1.32
N MSE G 43 38.71 -17.74 1.28
CA MSE G 43 39.30 -16.61 1.93
C MSE G 43 38.79 -15.27 1.41
O MSE G 43 38.59 -14.33 2.19
CB MSE G 43 40.85 -16.65 1.81
CG MSE G 43 41.48 -15.70 2.79
SE MSE G 43 43.39 -15.82 2.88
CE MSE G 43 43.61 -17.79 2.76
N GLN G 44 38.57 -15.19 0.13
CA GLN G 44 38.02 -13.99 -0.43
C GLN G 44 36.59 -13.78 0.07
N GLU G 45 35.84 -14.86 0.24
CA GLU G 45 34.47 -14.78 0.83
C GLU G 45 34.54 -14.19 2.22
N VAL G 46 35.43 -14.70 3.04
CA VAL G 46 35.63 -14.16 4.37
C VAL G 46 35.93 -12.66 4.35
N GLU G 47 36.85 -12.24 3.50
CA GLU G 47 37.15 -10.81 3.33
C GLU G 47 35.90 -10.01 2.93
N ILE G 48 35.17 -10.50 1.92
CA ILE G 48 33.90 -9.88 1.48
C ILE G 48 32.88 -9.76 2.65
N TRP G 49 32.64 -10.87 3.36
CA TRP G 49 31.79 -10.80 4.56
C TRP G 49 32.27 -9.81 5.59
N THR G 50 33.54 -9.87 5.92
CA THR G 50 34.12 -8.93 6.85
C THR G 50 33.88 -7.47 6.47
N ASN G 51 34.14 -7.11 5.21
CA ASN G 51 33.94 -5.74 4.78
CA ASN G 51 33.93 -5.77 4.69
C ASN G 51 32.47 -5.35 4.90
N ARG G 52 31.56 -6.23 4.50
CA ARG G 52 30.11 -5.93 4.56
C ARG G 52 29.59 -5.84 5.98
N ILE G 53 30.11 -6.68 6.87
CA ILE G 53 29.71 -6.62 8.29
C ILE G 53 30.26 -5.35 8.93
N LYS G 54 31.50 -5.02 8.61
CA LYS G 54 32.07 -3.77 9.16
C LYS G 54 31.29 -2.53 8.70
N GLU G 55 30.85 -2.54 7.45
CA GLU G 55 30.02 -1.47 6.89
C GLU G 55 28.73 -1.33 7.67
N LEU G 56 28.07 -2.46 7.95
CA LEU G 56 26.85 -2.44 8.75
C LEU G 56 27.14 -1.98 10.19
N GLU G 57 28.21 -2.48 10.82
CA GLU G 57 28.48 -2.11 12.21
C GLU G 57 28.73 -0.63 12.35
N ASP G 58 29.53 -0.12 11.42
CA ASP G 58 29.86 1.28 11.35
C ASP G 58 28.58 2.16 11.22
N TRP G 59 27.65 1.74 10.39
CA TRP G 59 26.36 2.37 10.23
C TRP G 59 25.57 2.32 11.55
N LEU G 60 25.42 1.12 12.09
CA LEU G 60 24.68 0.94 13.35
C LEU G 60 25.15 1.85 14.44
N TRP G 61 26.47 1.87 14.69
CA TRP G 61 26.98 2.57 15.87
C TRP G 61 27.35 4.00 15.56
N GLY G 62 27.43 4.32 14.27
CA GLY G 62 27.85 5.62 13.76
C GLY G 62 26.72 6.52 13.28
N GLU G 63 25.84 5.97 12.45
CA GLU G 63 24.88 6.80 11.69
C GLU G 63 23.40 6.47 11.86
N SER G 64 23.10 5.29 12.37
CA SER G 64 21.72 4.78 12.42
C SER G 64 20.88 5.51 13.47
N PRO G 65 19.57 5.24 13.46
CA PRO G 65 18.72 5.77 14.53
C PRO G 65 19.07 5.34 15.96
N ILE G 66 19.87 4.29 16.08
CA ILE G 66 20.25 3.83 17.41
C ILE G 66 21.71 4.18 17.80
N ALA G 67 22.42 4.94 16.94
CA ALA G 67 23.78 5.38 17.25
C ALA G 67 23.77 6.35 18.44
N SER H 1 -5.31 -0.09 33.78
CA SER H 1 -4.45 -1.25 34.15
C SER H 1 -3.31 -0.82 35.06
N ASN H 2 -2.95 -1.67 36.01
CA ASN H 2 -1.78 -1.42 36.87
C ASN H 2 -0.48 -2.01 36.28
N ALA H 3 -0.59 -2.66 35.12
CA ALA H 3 0.58 -3.14 34.37
C ALA H 3 1.50 -1.98 33.90
N MSE H 4 2.82 -2.17 33.99
CA MSE H 4 3.78 -1.21 33.44
C MSE H 4 3.53 -1.06 31.92
O MSE H 4 3.34 0.05 31.42
CB MSE H 4 5.22 -1.67 33.74
CG MSE H 4 6.26 -0.55 33.91
SE MSE H 4 8.08 -1.25 34.12
CE MSE H 4 9.12 0.36 33.65
N MSE H 5 3.47 -2.17 31.19
CA MSE H 5 3.41 -2.10 29.73
C MSE H 5 2.06 -1.70 29.11
O MSE H 5 0.97 -2.06 29.62
CB MSE H 5 3.93 -3.42 29.12
CG MSE H 5 2.89 -4.39 28.64
SE MSE H 5 3.77 -5.90 27.73
CE MSE H 5 4.98 -6.47 29.19
N THR H 6 2.14 -0.95 28.00
CA THR H 6 0.95 -0.55 27.22
C THR H 6 0.61 -1.61 26.18
N LYS H 7 -0.62 -1.53 25.68
CA LYS H 7 -1.06 -2.39 24.60
C LYS H 7 -0.20 -2.13 23.34
N LYS H 8 0.09 -0.86 23.05
CA LYS H 8 0.91 -0.55 21.88
C LYS H 8 2.28 -1.25 22.00
N GLU H 9 2.85 -1.20 23.17
CA GLU H 9 4.12 -1.85 23.45
C GLU H 9 4.02 -3.36 23.28
N ARG H 10 2.95 -3.95 23.82
CA ARG H 10 2.80 -5.40 23.78
C ARG H 10 2.68 -5.84 22.33
N ILE H 11 1.93 -5.08 21.54
CA ILE H 11 1.74 -5.46 20.15
C ILE H 11 3.05 -5.26 19.37
N ALA H 12 3.82 -4.23 19.68
CA ALA H 12 5.13 -4.00 19.00
C ALA H 12 6.06 -5.19 19.26
N ILE H 13 6.15 -5.58 20.54
CA ILE H 13 6.91 -6.77 20.95
C ILE H 13 6.45 -8.03 20.18
N GLN H 14 5.13 -8.21 20.09
CA GLN H 14 4.61 -9.35 19.34
C GLN H 14 4.99 -9.33 17.86
N ARG H 15 4.96 -8.13 17.26
CA ARG H 15 5.30 -7.95 15.85
C ARG H 15 6.80 -8.21 15.66
N SER H 16 7.61 -7.78 16.62
CA SER H 16 9.05 -8.00 16.63
C SER H 16 9.34 -9.51 16.64
N MSE H 17 8.64 -10.26 17.47
CA MSE H 17 8.75 -11.73 17.60
C MSE H 17 8.26 -12.45 16.35
O MSE H 17 8.87 -13.46 15.91
CB MSE H 17 7.97 -12.24 18.82
CG MSE H 17 8.61 -11.83 20.13
SE MSE H 17 7.39 -12.02 21.61
CE MSE H 17 7.37 -13.90 21.69
N ALA H 18 7.22 -11.89 15.73
CA ALA H 18 6.70 -12.42 14.47
C ALA H 18 7.75 -12.37 13.32
N GLU H 19 8.56 -11.31 13.29
CA GLU H 19 9.61 -11.21 12.28
C GLU H 19 10.63 -12.38 12.51
N GLU H 20 10.92 -12.71 13.78
CA GLU H 20 11.88 -13.79 14.10
C GLU H 20 11.25 -15.11 13.67
N ALA H 21 9.94 -15.28 13.91
CA ALA H 21 9.24 -16.50 13.53
C ALA H 21 9.33 -16.74 12.00
N LEU H 22 9.04 -15.68 11.26
CA LEU H 22 9.07 -15.66 9.80
C LEU H 22 10.50 -15.93 9.31
N GLY H 23 11.50 -15.34 9.99
CA GLY H 23 12.93 -15.60 9.66
C GLY H 23 13.25 -17.09 9.76
N LYS H 24 12.78 -17.71 10.84
CA LYS H 24 12.96 -19.15 11.00
C LYS H 24 12.31 -20.03 9.88
N LEU H 25 11.08 -19.73 9.54
CA LEU H 25 10.39 -20.41 8.43
C LEU H 25 11.11 -20.20 7.07
N LYS H 26 11.57 -18.97 6.83
CA LYS H 26 12.33 -18.69 5.60
C LYS H 26 13.69 -19.43 5.62
N ALA H 27 14.32 -19.50 6.79
CA ALA H 27 15.53 -20.31 6.97
C ALA H 27 15.33 -21.78 6.53
N ILE H 28 14.21 -22.37 6.96
CA ILE H 28 13.80 -23.72 6.53
C ILE H 28 13.74 -23.90 5.04
N ARG H 29 13.08 -22.96 4.37
CA ARG H 29 12.98 -22.96 2.94
C ARG H 29 14.34 -23.02 2.25
N GLN H 30 15.33 -22.33 2.82
CA GLN H 30 16.67 -22.29 2.19
C GLN H 30 17.39 -23.63 2.15
N LEU H 31 16.96 -24.59 2.97
CA LEU H 31 17.60 -25.91 2.94
C LEU H 31 17.00 -26.91 1.93
N CYS H 32 15.93 -26.53 1.25
CA CYS H 32 15.33 -27.42 0.27
C CYS H 32 16.41 -27.79 -0.75
N GLY H 33 16.61 -29.09 -0.93
CA GLY H 33 17.50 -29.58 -1.97
C GLY H 33 18.96 -29.42 -1.62
N ALA H 34 19.26 -29.11 -0.34
CA ALA H 34 20.66 -28.99 0.05
C ALA H 34 21.37 -30.34 0.01
N GLU H 35 20.62 -31.44 -0.01
CA GLU H 35 21.18 -32.80 -0.14
C GLU H 35 21.56 -33.16 -1.61
N ASP H 36 21.19 -32.26 -2.52
CA ASP H 36 21.35 -32.49 -3.94
C ASP H 36 22.46 -31.62 -4.47
N SER H 37 23.53 -32.26 -4.91
CA SER H 37 24.67 -31.54 -5.50
C SER H 37 24.32 -30.92 -6.87
N SER H 38 23.23 -31.40 -7.48
CA SER H 38 22.79 -30.93 -8.82
C SER H 38 21.97 -29.64 -8.76
N ASP H 39 21.40 -29.24 -9.91
CA ASP H 39 20.56 -28.02 -10.01
C ASP H 39 19.10 -28.32 -10.40
N SER H 40 18.29 -27.26 -10.35
CA SER H 40 16.87 -27.34 -10.65
C SER H 40 16.29 -25.94 -10.99
N MSE H 43 11.95 -26.70 -8.43
CA MSE H 43 11.54 -25.60 -7.54
C MSE H 43 10.19 -25.84 -6.82
O MSE H 43 9.71 -24.97 -6.08
CB MSE H 43 11.49 -24.29 -8.34
CG MSE H 43 11.76 -23.05 -7.51
SE MSE H 43 13.66 -22.80 -7.14
CE MSE H 43 14.24 -22.38 -8.96
N GLN H 44 9.59 -27.00 -7.01
CA GLN H 44 8.22 -27.21 -6.54
C GLN H 44 8.16 -27.21 -5.02
N GLU H 45 9.17 -27.79 -4.40
CA GLU H 45 9.24 -27.87 -2.94
C GLU H 45 9.38 -26.47 -2.35
N VAL H 46 10.29 -25.72 -2.95
CA VAL H 46 10.56 -24.35 -2.57
C VAL H 46 9.32 -23.50 -2.68
N GLU H 47 8.60 -23.66 -3.80
CA GLU H 47 7.38 -22.92 -4.07
C GLU H 47 6.30 -23.13 -3.01
N ILE H 48 6.13 -24.38 -2.61
CA ILE H 48 5.18 -24.75 -1.53
C ILE H 48 5.48 -23.92 -0.27
N TRP H 49 6.76 -23.86 0.11
CA TRP H 49 7.20 -23.06 1.28
C TRP H 49 6.98 -21.58 1.04
N THR H 50 7.43 -21.06 -0.11
CA THR H 50 7.18 -19.67 -0.45
C THR H 50 5.71 -19.31 -0.27
N ASN H 51 4.82 -20.10 -0.84
CA ASN H 51 3.38 -19.79 -0.75
C ASN H 51 2.81 -19.84 0.68
N ARG H 52 3.21 -20.84 1.47
CA ARG H 52 2.69 -20.97 2.84
CA ARG H 52 2.72 -20.99 2.83
C ARG H 52 3.24 -19.84 3.69
N ILE H 53 4.51 -19.48 3.51
CA ILE H 53 5.06 -18.38 4.26
C ILE H 53 4.43 -17.02 3.89
N LYS H 54 4.21 -16.81 2.61
CA LYS H 54 3.55 -15.59 2.14
C LYS H 54 2.15 -15.46 2.75
N GLU H 55 1.45 -16.59 2.83
CA GLU H 55 0.10 -16.62 3.34
C GLU H 55 0.06 -16.25 4.83
N LEU H 56 0.97 -16.85 5.60
CA LEU H 56 1.15 -16.50 6.99
C LEU H 56 1.56 -15.04 7.14
N GLU H 57 2.49 -14.58 6.28
CA GLU H 57 2.95 -13.21 6.37
C GLU H 57 1.80 -12.22 6.01
N ASP H 58 1.04 -12.51 4.96
CA ASP H 58 -0.14 -11.67 4.67
C ASP H 58 -1.12 -11.65 5.83
N TRP H 59 -1.36 -12.79 6.49
CA TRP H 59 -2.24 -12.84 7.67
C TRP H 59 -1.70 -11.98 8.80
N LEU H 60 -0.42 -12.16 9.10
CA LEU H 60 0.17 -11.46 10.23
C LEU H 60 -0.01 -9.99 10.08
N TRP H 61 0.36 -9.44 8.92
CA TRP H 61 0.42 -8.01 8.76
C TRP H 61 -0.87 -7.42 8.21
N GLY H 62 -1.75 -8.26 7.69
CA GLY H 62 -3.02 -7.81 7.09
C GLY H 62 -4.24 -8.02 7.96
N GLU H 63 -4.31 -9.17 8.62
CA GLU H 63 -5.56 -9.63 9.27
C GLU H 63 -5.47 -9.99 10.76
N SER H 64 -4.26 -10.27 11.24
CA SER H 64 -4.08 -10.82 12.59
C SER H 64 -4.35 -9.76 13.66
N PRO H 65 -4.43 -10.20 14.94
CA PRO H 65 -4.54 -9.23 16.05
C PRO H 65 -3.38 -8.21 16.15
N ILE H 66 -2.26 -8.47 15.47
CA ILE H 66 -1.15 -7.53 15.48
C ILE H 66 -0.96 -6.78 14.17
N ALA H 67 -1.91 -6.86 13.26
CA ALA H 67 -1.85 -6.10 12.03
C ALA H 67 -2.13 -4.62 12.29
C1 MPD I . -0.95 9.11 -17.26
C2 MPD I . -2.39 9.37 -16.86
O2 MPD I . -2.46 9.81 -15.49
CM MPD I . -2.95 10.51 -17.71
C3 MPD I . -3.19 8.07 -17.05
C4 MPD I . -3.66 7.38 -15.76
O4 MPD I . -4.36 8.25 -14.90
C5 MPD I . -2.49 6.76 -15.00
C1 MPD J . 11.92 15.20 -15.89
C2 MPD J . 12.69 16.14 -15.00
O2 MPD J . 11.69 16.80 -14.17
CM MPD J . 13.41 17.23 -15.79
C3 MPD J . 13.67 15.39 -14.13
C4 MPD J . 14.73 14.57 -14.87
O4 MPD J . 14.27 13.25 -15.04
C5 MPD J . 15.17 15.13 -16.23
C1 MPD K . -43.41 -12.19 -5.89
C2 MPD K . -43.82 -10.75 -5.66
O2 MPD K . -42.84 -9.92 -6.33
CM MPD K . -43.80 -10.42 -4.17
C3 MPD K . -45.19 -10.45 -6.27
C4 MPD K . -46.37 -11.04 -5.49
O4 MPD K . -46.40 -12.44 -5.61
C5 MPD K . -47.69 -10.47 -6.01
C1 MPD L . -25.40 -13.48 -13.99
C2 MPD L . -26.56 -12.53 -13.70
O2 MPD L . -27.26 -12.20 -14.94
CM MPD L . -27.49 -13.26 -12.75
C3 MPD L . -26.12 -11.23 -13.02
C4 MPD L . -25.44 -10.14 -13.88
O4 MPD L . -24.32 -9.62 -13.17
C5 MPD L . -26.39 -9.00 -14.24
C ACT M . -11.02 33.68 -4.29
O ACT M . -10.25 34.33 -3.54
OXT ACT M . -12.15 33.42 -3.82
CH3 ACT M . -10.58 33.29 -5.68
C1 MPD N . 12.11 -5.29 4.05
C2 MPD N . 10.98 -4.66 4.87
O2 MPD N . 10.19 -5.72 5.43
CM MPD N . 11.56 -3.86 6.03
C3 MPD N . 10.12 -3.81 3.92
C4 MPD N . 8.82 -3.23 4.50
O4 MPD N . 7.72 -4.03 4.13
C5 MPD N . 8.55 -1.82 3.95
C1 MPD O . 14.64 -9.61 24.05
C2 MPD O . 15.76 -9.29 25.02
O2 MPD O . 15.70 -7.86 25.34
CM MPD O . 15.59 -10.14 26.28
C3 MPD O . 17.15 -9.51 24.43
C4 MPD O . 17.29 -8.89 23.03
O4 MPD O . 18.65 -8.59 22.70
C5 MPD O . 16.65 -9.88 22.02
#